data_6EGN
#
_entry.id   6EGN
#
_cell.length_a   32.636
_cell.length_b   80.508
_cell.length_c   88.730
_cell.angle_alpha   90.000
_cell.angle_beta   90.000
_cell.angle_gamma   90.000
#
_symmetry.space_group_name_H-M   'P 21 21 21'
#
loop_
_entity.id
_entity.type
_entity.pdbx_description
1 polymer 'Hg(II)(GRAND CoilSerL16CL19(DLE))3-'
2 non-polymer 'ZINC ION'
3 non-polymer PROLINE
4 non-polymer 'POLYETHYLENE GLYCOL (N=34)'
5 non-polymer 'CHLORIDE ION'
6 non-polymer 'MERCURY (II) ION'
7 water water
#
_entity_poly.entity_id   1
_entity_poly.type   'polypeptide(L)'
_entity_poly.pdbx_seq_one_letter_code
;(ACE)EWEALEKKLAALESKCQA(DLE)EKKLQALEKKLEALEHG(NH2)
;
_entity_poly.pdbx_strand_id   A,B,C
#
loop_
_chem_comp.id
_chem_comp.type
_chem_comp.name
_chem_comp.formula
15P non-polymer 'POLYETHYLENE GLYCOL (N=34)' 'C69 H140 O35'
ACE non-polymer 'ACETYL GROUP' 'C2 H4 O'
CL non-polymer 'CHLORIDE ION' 'Cl -1'
HG non-polymer 'MERCURY (II) ION' 'Hg 2'
NH2 non-polymer 'AMINO GROUP' 'H2 N'
ZN non-polymer 'ZINC ION' 'Zn 2'
#
# COMPACT_ATOMS: atom_id res chain seq x y z
C ACE A 1 -7.43 -24.14 11.52
O ACE A 1 -7.73 -23.00 11.15
CH3 ACE A 1 -8.49 -25.23 11.59
N GLU A 2 -6.21 -24.49 11.91
CA GLU A 2 -5.08 -23.55 11.91
C GLU A 2 -4.68 -23.09 10.51
N TRP A 3 -4.65 -24.02 9.50
CA TRP A 3 -4.33 -23.54 8.13
C TRP A 3 -5.42 -22.63 7.59
N GLU A 4 -6.71 -22.88 7.94
CA GLU A 4 -7.84 -22.02 7.55
C GLU A 4 -7.67 -20.61 8.12
N ALA A 5 -7.18 -20.49 9.37
CA ALA A 5 -6.96 -19.22 10.05
C ALA A 5 -5.87 -18.42 9.31
N LEU A 6 -4.81 -19.13 8.82
CA LEU A 6 -3.75 -18.50 8.04
CA LEU A 6 -3.73 -18.52 8.04
C LEU A 6 -4.30 -18.00 6.71
N GLU A 7 -5.09 -18.85 6.01
CA GLU A 7 -5.73 -18.52 4.73
CA GLU A 7 -5.71 -18.49 4.73
C GLU A 7 -6.57 -17.25 4.90
N LYS A 8 -7.36 -17.17 6.00
CA LYS A 8 -8.23 -16.02 6.34
C LYS A 8 -7.43 -14.73 6.53
N LYS A 9 -6.30 -14.79 7.26
CA LYS A 9 -5.36 -13.69 7.48
C LYS A 9 -4.77 -13.19 6.17
N LEU A 10 -4.33 -14.11 5.28
CA LEU A 10 -3.79 -13.73 3.97
C LEU A 10 -4.85 -13.03 3.11
N ALA A 11 -6.09 -13.58 3.09
CA ALA A 11 -7.21 -13.03 2.33
C ALA A 11 -7.58 -11.62 2.83
N ALA A 12 -7.55 -11.40 4.17
CA ALA A 12 -7.86 -10.11 4.80
C ALA A 12 -6.74 -9.09 4.48
N LEU A 13 -5.48 -9.55 4.44
CA LEU A 13 -4.35 -8.69 4.10
C LEU A 13 -4.50 -8.28 2.64
N GLU A 14 -4.79 -9.23 1.73
CA GLU A 14 -5.02 -8.89 0.31
C GLU A 14 -6.13 -7.84 0.16
N SER A 15 -7.24 -8.00 0.88
CA SER A 15 -8.37 -7.06 0.84
C SER A 15 -7.93 -5.64 1.25
N LYS A 16 -7.17 -5.53 2.35
CA LYS A 16 -6.63 -4.28 2.90
C LYS A 16 -5.74 -3.57 1.87
N CYS A 17 -4.78 -4.32 1.26
CA CYS A 17 -3.85 -3.78 0.27
CA CYS A 17 -3.86 -3.75 0.24
C CYS A 17 -4.57 -3.32 -0.99
N GLN A 18 -5.60 -4.09 -1.41
CA GLN A 18 -6.36 -3.77 -2.62
C GLN A 18 -7.11 -2.46 -2.45
N ALA A 19 -7.66 -2.20 -1.23
CA ALA A 19 -8.33 -0.94 -0.90
C ALA A 19 -7.28 0.17 -0.90
N DLE A 20 -6.07 -0.12 -0.35
CA DLE A 20 -4.91 0.79 -0.26
CB DLE A 20 -5.24 1.96 0.68
CG DLE A 20 -4.99 1.83 2.18
CD1 DLE A 20 -6.26 2.11 2.97
CD2 DLE A 20 -4.34 0.53 2.63
C DLE A 20 -4.59 1.28 -1.68
O DLE A 20 -4.52 2.48 -1.93
N GLU A 21 -4.45 0.33 -2.62
CA GLU A 21 -4.18 0.58 -4.04
C GLU A 21 -5.25 1.48 -4.68
N LYS A 22 -6.49 1.29 -4.29
CA LYS A 22 -7.63 2.05 -4.77
C LYS A 22 -7.57 3.51 -4.32
N LYS A 23 -7.25 3.72 -3.06
CA LYS A 23 -7.11 5.05 -2.47
C LYS A 23 -5.91 5.78 -3.12
N LEU A 24 -4.81 5.07 -3.36
CA LEU A 24 -3.66 5.65 -4.06
C LEU A 24 -4.05 6.05 -5.49
N GLN A 25 -4.81 5.18 -6.20
CA GLN A 25 -5.27 5.50 -7.57
C GLN A 25 -6.12 6.79 -7.55
N ALA A 26 -6.99 6.97 -6.52
CA ALA A 26 -7.85 8.16 -6.35
C ALA A 26 -7.01 9.43 -6.14
N LEU A 27 -5.93 9.35 -5.33
CA LEU A 27 -5.03 10.47 -5.06
C LEU A 27 -4.33 10.89 -6.34
N GLU A 28 -3.77 9.92 -7.10
CA GLU A 28 -3.05 10.25 -8.36
C GLU A 28 -3.98 10.97 -9.34
N LYS A 29 -5.24 10.49 -9.42
CA LYS A 29 -6.25 11.08 -10.29
CA LYS A 29 -6.23 11.08 -10.32
C LYS A 29 -6.57 12.51 -9.89
N LYS A 30 -6.68 12.79 -8.57
CA LYS A 30 -6.96 14.15 -8.06
C LYS A 30 -5.75 15.08 -8.35
N LEU A 31 -4.53 14.55 -8.19
CA LEU A 31 -3.33 15.36 -8.50
C LEU A 31 -3.29 15.68 -10.00
N GLU A 32 -3.62 14.70 -10.85
CA GLU A 32 -3.65 14.95 -12.30
C GLU A 32 -4.66 16.06 -12.64
N ALA A 33 -5.89 15.98 -12.07
CA ALA A 33 -6.89 17.05 -12.30
C ALA A 33 -6.38 18.44 -11.88
N LEU A 34 -5.63 18.53 -10.77
CA LEU A 34 -5.08 19.80 -10.32
C LEU A 34 -4.01 20.32 -11.26
N GLU A 35 -3.05 19.46 -11.66
CA GLU A 35 -1.97 19.88 -12.56
C GLU A 35 -2.46 20.32 -13.92
N HIS A 36 -3.57 19.77 -14.34
CA HIS A 36 -4.16 20.10 -15.64
C HIS A 36 -5.34 21.06 -15.51
N GLY A 37 -5.57 21.57 -14.32
CA GLY A 37 -6.66 22.51 -14.02
C GLY A 37 -6.43 23.94 -14.50
N NH2 A 38 -7.49 24.69 -14.51
C ACE B 1 0.07 -27.54 -1.72
O ACE B 1 0.32 -26.41 -2.12
CH3 ACE B 1 0.69 -28.75 -2.38
N GLU B 2 -0.79 -27.78 -0.72
CA GLU B 2 -1.49 -26.69 -0.02
C GLU B 2 -0.53 -25.73 0.70
N TRP B 3 0.49 -26.25 1.39
CA TRP B 3 1.46 -25.38 2.05
C TRP B 3 2.21 -24.51 1.03
N GLU B 4 2.67 -25.12 -0.07
CA GLU B 4 3.37 -24.38 -1.13
C GLU B 4 2.47 -23.26 -1.67
N ALA B 5 1.15 -23.51 -1.82
CA ALA B 5 0.22 -22.46 -2.31
C ALA B 5 0.11 -21.27 -1.30
N LEU B 6 0.16 -21.55 0.02
CA LEU B 6 0.15 -20.53 1.07
C LEU B 6 1.42 -19.65 0.97
N GLU B 7 2.58 -20.28 0.77
CA GLU B 7 3.88 -19.60 0.62
C GLU B 7 3.88 -18.75 -0.63
N LYS B 8 3.30 -19.28 -1.75
CA LYS B 8 3.24 -18.57 -3.03
C LYS B 8 2.35 -17.31 -2.88
N LYS B 9 1.20 -17.43 -2.18
CA LYS B 9 0.28 -16.31 -1.92
C LYS B 9 0.95 -15.22 -1.10
N LEU B 10 1.63 -15.60 0.01
CA LEU B 10 2.34 -14.66 0.86
C LEU B 10 3.42 -13.93 0.05
N ALA B 11 4.23 -14.66 -0.76
CA ALA B 11 5.26 -13.99 -1.56
C ALA B 11 4.67 -12.98 -2.54
N ALA B 12 3.51 -13.31 -3.16
CA ALA B 12 2.85 -12.42 -4.12
C ALA B 12 2.31 -11.17 -3.41
N LEU B 13 1.78 -11.33 -2.19
CA LEU B 13 1.29 -10.20 -1.39
C LEU B 13 2.45 -9.29 -0.93
N GLU B 14 3.61 -9.88 -0.56
CA GLU B 14 4.81 -9.10 -0.17
C GLU B 14 5.29 -8.25 -1.34
N SER B 15 5.36 -8.85 -2.56
CA SER B 15 5.79 -8.16 -3.78
CA SER B 15 5.78 -8.17 -3.79
C SER B 15 4.84 -7.03 -4.15
N LYS B 16 3.54 -7.26 -4.00
CA LYS B 16 2.49 -6.28 -4.29
C LYS B 16 2.58 -5.05 -3.37
N CYS B 17 2.76 -5.25 -2.05
CA CYS B 17 2.91 -4.18 -1.06
CA CYS B 17 2.83 -4.04 -1.26
C CYS B 17 4.20 -3.36 -1.31
N GLN B 18 5.25 -4.04 -1.79
CA GLN B 18 6.54 -3.39 -2.05
C GLN B 18 6.38 -2.52 -3.32
N ALA B 19 5.61 -3.01 -4.32
CA ALA B 19 5.35 -2.24 -5.55
C ALA B 19 4.50 -1.01 -5.18
N DLE B 20 3.58 -1.20 -4.21
CA DLE B 20 2.70 -0.17 -3.64
CB DLE B 20 1.69 0.33 -4.68
CG DLE B 20 0.77 -0.77 -5.26
CD1 DLE B 20 -0.27 -1.23 -4.23
CD2 DLE B 20 0.12 -0.33 -6.56
C DLE B 20 3.54 0.98 -3.06
O DLE B 20 3.34 2.16 -3.37
N GLU B 21 4.55 0.59 -2.25
CA GLU B 21 5.49 1.48 -1.60
C GLU B 21 6.27 2.32 -2.60
N LYS B 22 6.75 1.69 -3.70
CA LYS B 22 7.50 2.39 -4.76
CA LYS B 22 7.50 2.41 -4.73
C LYS B 22 6.63 3.46 -5.42
N LYS B 23 5.32 3.15 -5.62
CA LYS B 23 4.38 4.08 -6.27
C LYS B 23 4.07 5.25 -5.33
N LEU B 24 3.92 4.98 -4.03
CA LEU B 24 3.68 5.99 -3.00
C LEU B 24 4.89 6.92 -2.88
N GLN B 25 6.13 6.36 -2.99
CA GLN B 25 7.36 7.17 -2.92
C GLN B 25 7.43 8.10 -4.11
N ALA B 26 6.98 7.64 -5.32
CA ALA B 26 7.02 8.49 -6.51
C ALA B 26 5.99 9.65 -6.36
N LEU B 27 4.82 9.34 -5.79
CA LEU B 27 3.78 10.37 -5.55
C LEU B 27 4.27 11.42 -4.52
N GLU B 28 4.91 10.96 -3.44
CA GLU B 28 5.46 11.83 -2.43
C GLU B 28 6.51 12.77 -3.04
N LYS B 29 7.38 12.27 -3.94
CA LYS B 29 8.40 13.12 -4.57
C LYS B 29 7.75 14.22 -5.43
N LYS B 30 6.66 13.88 -6.17
N LYS B 30 6.66 13.89 -6.18
CA LYS B 30 5.91 14.83 -7.00
CA LYS B 30 5.94 14.87 -7.00
C LYS B 30 5.31 15.93 -6.11
C LYS B 30 5.33 15.95 -6.10
N LEU B 31 4.66 15.54 -5.00
CA LEU B 31 4.05 16.50 -4.05
C LEU B 31 5.12 17.42 -3.40
N GLU B 32 6.27 16.87 -3.00
CA GLU B 32 7.39 17.65 -2.46
C GLU B 32 7.93 18.67 -3.48
N ALA B 33 8.11 18.21 -4.74
CA ALA B 33 8.57 19.08 -5.85
C ALA B 33 7.60 20.23 -6.09
N LEU B 34 6.30 19.96 -6.06
CA LEU B 34 5.32 20.99 -6.37
C LEU B 34 5.09 21.95 -5.21
N GLU B 35 5.10 21.44 -3.98
CA GLU B 35 4.81 22.32 -2.83
C GLU B 35 5.94 23.30 -2.47
N HIS B 36 7.18 23.06 -2.95
CA HIS B 36 8.32 23.93 -2.69
C HIS B 36 8.90 24.56 -3.98
N GLY B 37 8.29 24.24 -5.10
CA GLY B 37 8.72 24.65 -6.44
C GLY B 37 8.28 26.03 -6.90
N NH2 B 38 8.82 26.41 -8.05
C ACE C 1 9.90 -23.02 10.52
O ACE C 1 9.71 -21.79 10.55
CH3 ACE C 1 10.71 -23.72 11.59
N GLU C 2 9.39 -23.83 9.59
CA GLU C 2 8.60 -23.38 8.44
C GLU C 2 7.35 -22.56 8.84
N TRP C 3 6.54 -23.10 9.76
CA TRP C 3 5.33 -22.40 10.22
C TRP C 3 5.66 -21.05 10.85
N GLU C 4 6.66 -21.02 11.76
CA GLU C 4 7.09 -19.81 12.45
C GLU C 4 7.70 -18.79 11.51
N ALA C 5 8.44 -19.26 10.47
CA ALA C 5 9.06 -18.38 9.48
C ALA C 5 7.98 -17.67 8.65
N LEU C 6 6.88 -18.38 8.36
CA LEU C 6 5.78 -17.79 7.59
C LEU C 6 5.02 -16.75 8.45
N GLU C 7 4.75 -17.10 9.74
CA GLU C 7 4.08 -16.19 10.68
C GLU C 7 4.84 -14.86 10.84
N LYS C 8 6.19 -14.95 10.94
CA LYS C 8 7.08 -13.80 11.08
C LYS C 8 6.95 -12.85 9.88
N LYS C 9 6.93 -13.41 8.66
CA LYS C 9 6.76 -12.65 7.41
C LYS C 9 5.35 -12.07 7.30
N LEU C 10 4.34 -12.84 7.71
CA LEU C 10 2.95 -12.35 7.68
C LEU C 10 2.80 -11.14 8.62
N ALA C 11 3.31 -11.25 9.87
CA ALA C 11 3.29 -10.15 10.86
C ALA C 11 4.02 -8.88 10.33
N ALA C 12 5.21 -9.06 9.70
CA ALA C 12 5.98 -7.96 9.11
C ALA C 12 5.19 -7.28 7.97
N LEU C 13 4.45 -8.09 7.16
CA LEU C 13 3.64 -7.59 6.05
C LEU C 13 2.43 -6.80 6.58
N GLU C 14 1.82 -7.26 7.67
CA GLU C 14 0.67 -6.56 8.27
C GLU C 14 1.11 -5.16 8.79
N SER C 15 2.27 -5.11 9.46
CA SER C 15 2.86 -3.87 9.98
C SER C 15 3.21 -2.92 8.82
N LYS C 16 3.80 -3.45 7.75
CA LYS C 16 4.16 -2.66 6.56
C LYS C 16 2.91 -2.07 5.92
N CYS C 17 1.82 -2.87 5.76
CA CYS C 17 0.59 -2.36 5.15
C CYS C 17 -0.07 -1.24 5.99
N GLN C 18 0.04 -1.33 7.34
CA GLN C 18 -0.47 -0.33 8.29
C GLN C 18 0.32 0.98 8.17
N ALA C 19 1.67 0.89 8.07
CA ALA C 19 2.54 2.06 7.86
C ALA C 19 2.26 2.68 6.48
N DLE C 20 1.97 1.83 5.45
CA DLE C 20 1.59 2.20 4.08
CB DLE C 20 2.77 2.84 3.33
CG DLE C 20 4.03 1.97 3.20
CD1 DLE C 20 3.84 0.84 2.19
CD2 DLE C 20 5.26 2.81 2.87
C DLE C 20 0.35 3.14 4.10
O DLE C 20 0.34 4.19 3.46
N GLU C 21 -0.67 2.75 4.90
CA GLU C 21 -1.90 3.53 5.09
C GLU C 21 -1.63 4.89 5.71
N LYS C 22 -0.78 4.95 6.77
CA LYS C 22 -0.42 6.20 7.46
C LYS C 22 0.25 7.19 6.50
N LYS C 23 1.12 6.69 5.60
CA LYS C 23 1.80 7.51 4.59
C LYS C 23 0.76 8.06 3.59
N LEU C 24 -0.17 7.20 3.13
CA LEU C 24 -1.21 7.57 2.19
C LEU C 24 -2.11 8.69 2.72
N GLN C 25 -2.45 8.64 4.02
CA GLN C 25 -3.27 9.65 4.70
C GLN C 25 -2.55 11.03 4.77
N ALA C 26 -1.22 11.00 5.03
CA ALA C 26 -0.40 12.22 5.06
C ALA C 26 -0.29 12.85 3.64
N LEU C 27 -0.23 12.01 2.57
CA LEU C 27 -0.14 12.51 1.19
C LEU C 27 -1.45 13.12 0.73
N GLU C 28 -2.56 12.57 1.23
CA GLU C 28 -3.91 13.07 0.95
C GLU C 28 -4.03 14.51 1.50
N LYS C 29 -3.54 14.75 2.75
CA LYS C 29 -3.56 16.07 3.40
C LYS C 29 -2.63 17.05 2.64
N LYS C 30 -1.49 16.53 2.12
CA LYS C 30 -0.52 17.31 1.35
CA LYS C 30 -0.52 17.31 1.35
C LYS C 30 -1.14 17.80 0.05
N LEU C 31 -1.87 16.91 -0.66
CA LEU C 31 -2.53 17.28 -1.92
C LEU C 31 -3.60 18.33 -1.66
N GLU C 32 -4.40 18.13 -0.61
CA GLU C 32 -5.47 19.08 -0.24
C GLU C 32 -4.93 20.49 -0.01
N ALA C 33 -3.78 20.60 0.67
CA ALA C 33 -3.12 21.87 0.96
C ALA C 33 -2.57 22.50 -0.32
N LEU C 34 -2.01 21.69 -1.24
CA LEU C 34 -1.48 22.21 -2.49
C LEU C 34 -2.63 22.80 -3.34
N GLU C 35 -3.77 22.12 -3.42
CA GLU C 35 -4.91 22.60 -4.18
C GLU C 35 -5.48 23.88 -3.51
N HIS C 36 -5.54 23.90 -2.17
CA HIS C 36 -6.20 24.98 -1.43
C HIS C 36 -5.46 26.32 -1.50
N GLY C 37 -4.15 26.26 -1.70
CA GLY C 37 -3.28 27.43 -1.78
C GLY C 37 -3.36 28.22 -3.08
N NH2 C 38 -3.98 27.64 -4.13
ZN ZN D . -7.51 -27.15 8.56
N PRO E . 2.80 19.02 -16.87
CA PRO E . 2.22 18.51 -18.10
C PRO E . 3.23 18.05 -19.16
O PRO E . 4.41 17.78 -18.83
CB PRO E . 1.34 19.66 -18.55
CG PRO E . 0.80 20.19 -17.26
CD PRO E . 1.88 19.99 -16.23
OXT PRO E . 2.80 17.85 -20.33
O2 15P F . -14.91 15.17 0.19
C5 15P F . -14.60 15.76 -1.07
C6 15P F . -13.15 16.11 -1.14
O3 15P F . -12.37 14.92 -1.27
C7 15P F . -11.32 15.05 -2.21
C8 15P F . -11.30 13.89 -3.14
O4 15P F . -10.85 12.72 -2.46
C9 15P F . -10.21 11.80 -3.31
C10 15P F . -10.04 10.49 -2.60
O5 15P F . -11.31 9.97 -2.23
C11 15P F . -11.52 8.64 -2.69
C12 15P F . -12.80 8.57 -3.47
O6 15P F . -12.92 7.34 -4.16
O5 15P G . -12.02 8.89 -6.71
C11 15P G . -12.32 7.89 -7.67
C12 15P G . -11.55 8.14 -8.93
O6 15P G . -12.00 7.32 -10.00
CL CL H . 2.22 21.10 -12.58
HG HG I . -0.04 -3.43 1.48
ZN ZN J . 7.45 19.54 1.69
N PRO K . 14.43 14.18 -11.54
CA PRO K . 15.49 13.45 -12.22
C PRO K . 15.05 12.08 -12.75
O PRO K . 14.01 11.57 -12.30
CB PRO K . 16.58 13.32 -11.14
CG PRO K . 16.00 13.89 -9.88
CD PRO K . 14.90 14.80 -10.29
OXT PRO K . 15.79 11.52 -13.59
ZN ZN L . -9.46 23.51 -1.57
#